data_4O1G
#
_entry.id   4O1G
#
_cell.length_a   54.843
_cell.length_b   72.410
_cell.length_c   82.430
_cell.angle_alpha   90.000
_cell.angle_beta   99.440
_cell.angle_gamma   90.000
#
_symmetry.space_group_name_H-M   'C 1 2 1'
#
loop_
_entity.id
_entity.type
_entity.pdbx_description
1 polymer 'Adenosine kinase'
2 non-polymer 'SODIUM ION'
3 non-polymer 'PHOSPHOTHIOPHOSPHORIC ACID-ADENYLATE ESTER'
4 water water
#
_entity_poly.entity_id   1
_entity_poly.type   'polypeptide(L)'
_entity_poly.pdbx_seq_one_letter_code
;MTIAVTGSIATDHLMRFPGRFSEQLLPEHLHKVSLSFLVDDLVMHRGGVAGNMAFAIGVLGGEVALVGAAGADFADYRDW
LKARGVNCDHVLISETAHTARFTCTTDVDMAQIASFYPGAMSEARNIKLADVVSAIGKPELVIIGANDPEAMFLHTEECR
KLGLAFAADPSQQLARLSGEEIRRLVNGAAYLFTNDYEWDLLLSKTGWSEADVMAQIDLRVTTLGPKGVDLVEPDGTTIH
VGVVPETSQTDPTGVGDAFRAGFLTGRSAGLGLERSAQLGSLVAVLVLESTGTQEWQWDYEAAASRLAGAYGEHAAAEIV
AVLA
;
_entity_poly.pdbx_strand_id   A
#
loop_
_chem_comp.id
_chem_comp.type
_chem_comp.name
_chem_comp.formula
AGS non-polymer 'PHOSPHOTHIOPHOSPHORIC ACID-ADENYLATE ESTER' 'C10 H16 N5 O12 P3 S'
NA non-polymer 'SODIUM ION' 'Na 1'
#
# COMPACT_ATOMS: atom_id res chain seq x y z
N MET A 1 -14.10 -1.11 14.92
CA MET A 1 -13.50 -0.02 14.08
C MET A 1 -12.23 -0.55 13.39
N THR A 2 -11.78 -1.74 13.82
CA THR A 2 -10.46 -2.25 13.44
C THR A 2 -10.28 -2.74 11.98
N ILE A 3 -9.37 -2.09 11.29
CA ILE A 3 -8.92 -2.51 9.97
C ILE A 3 -7.72 -3.44 10.15
N ALA A 4 -7.80 -4.63 9.55
CA ALA A 4 -6.64 -5.53 9.51
C ALA A 4 -5.97 -5.40 8.13
N VAL A 5 -4.69 -5.05 8.16
CA VAL A 5 -3.96 -4.76 6.91
C VAL A 5 -3.04 -5.97 6.63
N THR A 6 -3.34 -6.73 5.57
CA THR A 6 -2.44 -7.82 5.14
C THR A 6 -1.68 -7.38 3.91
N GLY A 7 -0.47 -7.88 3.79
CA GLY A 7 0.42 -7.55 2.73
C GLY A 7 1.86 -7.54 3.14
N SER A 8 2.68 -7.07 2.20
CA SER A 8 4.12 -7.09 2.42
C SER A 8 4.58 -6.10 3.52
N ILE A 9 5.62 -6.54 4.20
CA ILE A 9 6.40 -5.78 5.19
C ILE A 9 7.85 -5.88 4.70
N ALA A 10 8.50 -4.75 4.50
CA ALA A 10 9.82 -4.73 3.89
C ALA A 10 10.55 -3.46 4.28
N THR A 11 11.87 -3.45 4.05
CA THR A 11 12.62 -2.19 4.06
C THR A 11 13.36 -2.02 2.75
N ASP A 12 13.67 -0.76 2.41
CA ASP A 12 14.44 -0.38 1.22
C ASP A 12 15.79 0.16 1.69
N HIS A 13 16.89 -0.38 1.15
CA HIS A 13 18.22 0.04 1.49
C HIS A 13 18.81 0.62 0.22
N LEU A 14 18.97 1.94 0.22
CA LEU A 14 19.35 2.70 -0.96
C LEU A 14 20.75 3.29 -0.81
N MET A 15 21.63 2.96 -1.76
CA MET A 15 23.01 3.39 -1.75
C MET A 15 23.37 4.14 -2.99
N ARG A 16 24.15 5.19 -2.81
CA ARG A 16 24.59 6.05 -3.89
C ARG A 16 26.05 5.85 -4.26
N PHE A 17 26.29 5.54 -5.53
CA PHE A 17 27.63 5.47 -6.10
C PHE A 17 27.90 6.80 -6.84
N PRO A 18 28.92 7.56 -6.39
CA PRO A 18 29.21 8.86 -7.04
C PRO A 18 29.81 8.74 -8.46
N GLY A 19 30.26 7.54 -8.81
CA GLY A 19 30.80 7.26 -10.14
C GLY A 19 29.78 6.76 -11.15
N ARG A 20 30.29 6.04 -12.14
CA ARG A 20 29.48 5.50 -13.22
C ARG A 20 29.71 4.01 -13.30
N PHE A 21 28.62 3.24 -13.21
CA PHE A 21 28.70 1.79 -13.34
C PHE A 21 29.33 1.39 -14.68
N SER A 22 29.02 2.16 -15.74
CA SER A 22 29.53 1.89 -17.08
C SER A 22 31.06 1.81 -17.15
N GLU A 23 31.77 2.50 -16.26
CA GLU A 23 33.23 2.41 -16.23
C GLU A 23 33.75 1.00 -15.88
N GLN A 24 32.93 0.18 -15.23
CA GLN A 24 33.32 -1.20 -14.89
C GLN A 24 32.64 -2.25 -15.77
N LEU A 25 31.93 -1.82 -16.80
CA LEU A 25 31.16 -2.72 -17.65
C LEU A 25 31.70 -2.82 -19.08
N LEU A 26 33.03 -2.91 -19.20
CA LEU A 26 33.68 -3.19 -20.49
C LEU A 26 33.45 -4.66 -20.89
N PRO A 27 33.42 -4.95 -22.20
CA PRO A 27 33.10 -6.33 -22.65
C PRO A 27 34.02 -7.44 -22.12
N GLU A 28 35.27 -7.10 -21.79
CA GLU A 28 36.27 -8.10 -21.37
C GLU A 28 35.83 -8.99 -20.19
N HIS A 29 34.92 -8.51 -19.35
CA HIS A 29 34.55 -9.24 -18.13
C HIS A 29 33.08 -9.47 -17.91
N LEU A 30 32.23 -9.28 -18.93
CA LEU A 30 30.77 -9.46 -18.75
C LEU A 30 30.32 -10.89 -18.43
N HIS A 31 31.13 -11.86 -18.84
CA HIS A 31 30.85 -13.28 -18.59
C HIS A 31 30.92 -13.67 -17.14
N LYS A 32 31.75 -12.94 -16.38
CA LYS A 32 31.91 -13.16 -14.94
C LYS A 32 32.39 -11.88 -14.28
N VAL A 33 31.48 -10.94 -14.07
CA VAL A 33 31.83 -9.66 -13.51
C VAL A 33 32.29 -9.79 -12.04
N SER A 34 33.15 -8.85 -11.65
CA SER A 34 33.49 -8.61 -10.25
C SER A 34 33.48 -7.09 -10.06
N LEU A 35 32.29 -6.52 -9.91
CA LEU A 35 32.13 -5.08 -9.79
C LEU A 35 32.28 -4.71 -8.32
N SER A 36 32.93 -3.57 -8.05
CA SER A 36 33.06 -3.07 -6.69
C SER A 36 32.80 -1.59 -6.73
N PHE A 37 31.84 -1.12 -5.94
CA PHE A 37 31.48 0.29 -5.89
C PHE A 37 31.60 0.83 -4.48
N LEU A 38 32.49 1.82 -4.32
CA LEU A 38 32.62 2.56 -3.07
C LEU A 38 31.47 3.56 -3.07
N VAL A 39 30.48 3.32 -2.21
CA VAL A 39 29.32 4.17 -2.14
C VAL A 39 29.44 5.18 -1.00
N ASP A 40 28.76 6.31 -1.13
CA ASP A 40 28.93 7.41 -0.15
C ASP A 40 27.67 7.83 0.59
N ASP A 41 26.61 7.03 0.47
CA ASP A 41 25.34 7.29 1.17
C ASP A 41 24.61 5.97 1.29
N LEU A 42 23.93 5.76 2.41
CA LEU A 42 23.02 4.65 2.63
C LEU A 42 21.80 5.19 3.38
N VAL A 43 20.63 5.04 2.76
CA VAL A 43 19.36 5.47 3.34
C VAL A 43 18.52 4.25 3.50
N MET A 44 17.89 4.05 4.65
CA MET A 44 17.00 2.93 4.87
C MET A 44 15.59 3.46 5.09
N HIS A 45 14.63 2.96 4.32
CA HIS A 45 13.23 3.36 4.49
C HIS A 45 12.37 2.18 4.90
N ARG A 46 11.48 2.37 5.88
CA ARG A 46 10.52 1.34 6.28
C ARG A 46 9.40 1.30 5.23
N GLY A 47 9.03 0.09 4.80
CA GLY A 47 8.02 -0.06 3.76
C GLY A 47 7.32 -1.40 3.72
N GLY A 48 7.03 -1.83 2.50
CA GLY A 48 6.03 -2.87 2.32
C GLY A 48 4.66 -2.22 2.24
N VAL A 49 3.78 -2.75 1.40
CA VAL A 49 2.46 -2.09 1.26
C VAL A 49 1.68 -2.14 2.57
N ALA A 50 1.70 -3.26 3.28
CA ALA A 50 0.97 -3.35 4.53
C ALA A 50 1.57 -2.46 5.61
N GLY A 51 2.90 -2.40 5.69
CA GLY A 51 3.51 -1.48 6.65
C GLY A 51 3.14 -0.03 6.40
N ASN A 52 3.21 0.39 5.14
CA ASN A 52 2.83 1.76 4.72
C ASN A 52 1.39 2.06 5.07
N MET A 53 0.49 1.15 4.74
CA MET A 53 -0.92 1.40 5.00
C MET A 53 -1.20 1.44 6.50
N ALA A 54 -0.60 0.50 7.25
CA ALA A 54 -0.84 0.45 8.69
C ALA A 54 -0.27 1.68 9.36
N PHE A 55 0.93 2.06 8.97
CA PHE A 55 1.53 3.31 9.50
C PHE A 55 0.58 4.48 9.32
N ALA A 56 0.09 4.70 8.09
CA ALA A 56 -0.81 5.81 7.81
C ALA A 56 -2.11 5.77 8.60
N ILE A 57 -2.77 4.61 8.69
CA ILE A 57 -3.99 4.51 9.45
C ILE A 57 -3.74 4.84 10.94
N GLY A 58 -2.63 4.35 11.45
CA GLY A 58 -2.24 4.63 12.84
C GLY A 58 -2.01 6.10 13.09
N VAL A 59 -1.24 6.74 12.23
CA VAL A 59 -0.95 8.19 12.36
C VAL A 59 -2.23 9.02 12.36
N LEU A 60 -3.22 8.60 11.58
CA LEU A 60 -4.49 9.30 11.46
C LEU A 60 -5.43 8.99 12.62
N GLY A 61 -5.01 8.08 13.51
CA GLY A 61 -5.77 7.71 14.70
C GLY A 61 -6.77 6.59 14.54
N GLY A 62 -6.67 5.84 13.44
CA GLY A 62 -7.58 4.71 13.24
C GLY A 62 -7.15 3.51 14.06
N GLU A 63 -8.05 2.55 14.20
CA GLU A 63 -7.74 1.28 14.86
C GLU A 63 -7.24 0.34 13.77
N VAL A 64 -6.02 -0.16 13.92
CA VAL A 64 -5.41 -0.94 12.87
C VAL A 64 -4.49 -2.03 13.42
N ALA A 65 -4.57 -3.20 12.78
CA ALA A 65 -3.69 -4.32 13.05
C ALA A 65 -2.93 -4.69 11.77
N LEU A 66 -1.63 -4.77 11.90
CA LEU A 66 -0.73 -5.22 10.81
C LEU A 66 -0.62 -6.74 10.84
N VAL A 67 -0.96 -7.37 9.73
CA VAL A 67 -0.95 -8.85 9.61
C VAL A 67 -0.12 -9.27 8.41
N GLY A 68 1.16 -9.57 8.66
CA GLY A 68 2.09 -10.04 7.63
C GLY A 68 3.28 -10.72 8.28
N ALA A 69 4.24 -11.16 7.46
CA ALA A 69 5.36 -11.96 7.94
C ALA A 69 6.65 -11.14 7.80
N ALA A 70 7.47 -11.17 8.86
CA ALA A 70 8.73 -10.49 8.93
C ALA A 70 9.75 -11.31 9.68
N GLY A 71 10.96 -10.78 9.81
CA GLY A 71 12.07 -11.45 10.50
C GLY A 71 12.31 -10.85 11.87
N ALA A 72 13.25 -11.44 12.61
CA ALA A 72 13.61 -10.88 13.92
C ALA A 72 14.09 -9.44 13.83
N ASP A 73 14.69 -9.08 12.69
CA ASP A 73 15.14 -7.73 12.40
C ASP A 73 14.00 -6.71 12.24
N PHE A 74 12.76 -7.17 12.41
CA PHE A 74 11.58 -6.30 12.43
C PHE A 74 11.40 -5.50 13.74
N ALA A 75 12.18 -5.81 14.79
CA ALA A 75 11.91 -5.23 16.11
C ALA A 75 11.82 -3.71 16.19
N ASP A 76 12.75 -3.00 15.57
CA ASP A 76 12.77 -1.52 15.65
C ASP A 76 11.59 -0.93 14.83
N TYR A 77 11.24 -1.63 13.76
CA TYR A 77 10.08 -1.30 12.92
C TYR A 77 8.80 -1.53 13.72
N ARG A 78 8.73 -2.64 14.47
CA ARG A 78 7.59 -2.86 15.38
C ARG A 78 7.41 -1.67 16.34
N ASP A 79 8.49 -1.25 16.99
CA ASP A 79 8.40 -0.16 17.97
C ASP A 79 7.93 1.14 17.31
N TRP A 80 8.42 1.38 16.11
CA TRP A 80 8.02 2.53 15.27
C TRP A 80 6.53 2.56 14.99
N LEU A 81 5.99 1.40 14.60
CA LEU A 81 4.57 1.30 14.31
C LEU A 81 3.73 1.32 15.58
N LYS A 82 4.21 0.64 16.63
CA LYS A 82 3.49 0.63 17.90
C LYS A 82 3.36 2.06 18.47
N ALA A 83 4.39 2.88 18.26
CA ALA A 83 4.36 4.29 18.70
C ALA A 83 3.24 5.09 18.03
N ARG A 84 2.79 4.64 16.85
CA ARG A 84 1.70 5.27 16.12
C ARG A 84 0.36 4.53 16.30
N GLY A 85 0.28 3.60 17.24
CA GLY A 85 -0.97 2.94 17.58
C GLY A 85 -1.28 1.68 16.79
N VAL A 86 -0.32 1.20 16.00
CA VAL A 86 -0.54 0.00 15.19
C VAL A 86 -0.39 -1.24 16.08
N ASN A 87 -1.39 -2.11 16.08
CA ASN A 87 -1.32 -3.42 16.77
C ASN A 87 -0.50 -4.36 15.88
N CYS A 88 0.67 -4.77 16.37
CA CYS A 88 1.57 -5.68 15.65
C CYS A 88 1.60 -7.10 16.22
N ASP A 89 0.62 -7.43 17.07
CA ASP A 89 0.56 -8.75 17.69
C ASP A 89 0.52 -9.91 16.70
N HIS A 90 -0.03 -9.66 15.51
CA HIS A 90 -0.28 -10.73 14.53
C HIS A 90 0.69 -10.70 13.38
N VAL A 91 1.81 -10.00 13.56
CA VAL A 91 2.93 -10.07 12.63
C VAL A 91 3.66 -11.36 12.96
N LEU A 92 3.76 -12.25 11.98
CA LEU A 92 4.41 -13.52 12.14
C LEU A 92 5.91 -13.26 12.04
N ILE A 93 6.68 -13.67 13.05
CA ILE A 93 8.11 -13.50 13.04
C ILE A 93 8.80 -14.82 12.72
N SER A 94 9.46 -14.84 11.57
CA SER A 94 10.21 -16.01 11.13
C SER A 94 11.32 -16.34 12.11
N GLU A 95 11.54 -17.63 12.28
CA GLU A 95 12.69 -18.12 13.05
C GLU A 95 13.98 -18.18 12.23
N THR A 96 13.88 -18.19 10.90
CA THR A 96 15.05 -18.37 10.05
C THR A 96 15.32 -17.29 9.02
N ALA A 97 14.27 -16.60 8.57
CA ALA A 97 14.39 -15.67 7.45
C ALA A 97 14.37 -14.22 7.94
N HIS A 98 15.06 -13.34 7.21
CA HIS A 98 15.02 -11.93 7.55
C HIS A 98 13.85 -11.28 6.89
N THR A 99 13.51 -10.10 7.39
CA THR A 99 12.46 -9.28 6.80
C THR A 99 12.80 -8.99 5.34
N ALA A 100 11.78 -9.06 4.47
CA ALA A 100 11.97 -8.75 3.05
C ALA A 100 12.70 -7.45 2.84
N ARG A 101 13.53 -7.42 1.80
CA ARG A 101 14.39 -6.28 1.58
C ARG A 101 14.64 -6.00 0.12
N PHE A 102 14.47 -4.74 -0.24
CA PHE A 102 14.86 -4.21 -1.53
C PHE A 102 16.14 -3.45 -1.31
N THR A 103 17.16 -3.76 -2.11
CA THR A 103 18.44 -3.05 -2.05
C THR A 103 18.69 -2.45 -3.42
N CYS A 104 19.05 -1.18 -3.48
CA CYS A 104 19.30 -0.54 -4.77
C CYS A 104 20.48 0.42 -4.69
N THR A 105 21.40 0.26 -5.62
CA THR A 105 22.51 1.18 -5.77
C THR A 105 22.31 1.95 -7.07
N THR A 106 22.43 3.27 -6.97
CA THR A 106 22.23 4.18 -8.10
C THR A 106 23.49 5.00 -8.33
N ASP A 107 23.93 5.08 -9.59
CA ASP A 107 25.11 5.91 -9.92
C ASP A 107 24.76 7.34 -10.34
N VAL A 108 25.78 8.11 -10.70
CA VAL A 108 25.62 9.52 -11.02
C VAL A 108 24.83 9.73 -12.32
N ASP A 109 24.78 8.69 -13.16
CA ASP A 109 23.96 8.74 -14.39
C ASP A 109 22.56 8.16 -14.22
N MET A 110 22.20 7.86 -12.96
CA MET A 110 20.92 7.27 -12.60
C MET A 110 20.71 5.85 -13.11
N ALA A 111 21.81 5.17 -13.44
CA ALA A 111 21.78 3.73 -13.68
C ALA A 111 21.56 3.09 -12.32
N GLN A 112 20.94 1.91 -12.31
CA GLN A 112 20.60 1.24 -11.04
C GLN A 112 20.92 -0.24 -11.10
N ILE A 113 21.33 -0.76 -9.94
CA ILE A 113 21.51 -2.19 -9.74
C ILE A 113 20.76 -2.55 -8.44
N ALA A 114 19.75 -3.38 -8.60
CA ALA A 114 18.76 -3.64 -7.58
C ALA A 114 18.55 -5.13 -7.35
N SER A 115 18.24 -5.45 -6.11
CA SER A 115 17.83 -6.79 -5.78
C SER A 115 16.62 -6.74 -4.89
N PHE A 116 15.84 -7.83 -4.93
CA PHE A 116 14.75 -8.03 -4.00
C PHE A 116 14.93 -9.39 -3.34
N TYR A 117 14.89 -9.38 -2.01
CA TYR A 117 14.95 -10.56 -1.17
C TYR A 117 13.60 -10.72 -0.47
N PRO A 118 12.84 -11.75 -0.85
CA PRO A 118 11.52 -11.98 -0.21
C PRO A 118 11.60 -12.35 1.26
N GLY A 119 12.61 -13.12 1.65
CA GLY A 119 12.76 -13.50 3.04
C GLY A 119 11.51 -14.04 3.69
N ALA A 120 11.20 -13.50 4.86
CA ALA A 120 10.09 -13.97 5.67
C ALA A 120 8.74 -13.77 4.99
N MET A 121 8.65 -12.91 3.98
CA MET A 121 7.34 -12.66 3.33
C MET A 121 6.65 -13.94 2.92
N SER A 122 7.46 -14.92 2.49
CA SER A 122 6.95 -16.21 2.01
C SER A 122 6.19 -17.00 3.09
N GLU A 123 6.46 -16.69 4.34
CA GLU A 123 5.79 -17.33 5.45
C GLU A 123 4.42 -16.71 5.80
N ALA A 124 4.00 -15.65 5.10
CA ALA A 124 2.67 -15.10 5.31
C ALA A 124 1.57 -16.11 5.02
N ARG A 125 1.85 -17.09 4.16
CA ARG A 125 0.89 -18.18 3.89
C ARG A 125 0.55 -18.99 5.13
N ASN A 126 1.35 -18.87 6.20
CA ASN A 126 1.06 -19.58 7.45
C ASN A 126 0.22 -18.82 8.48
N ILE A 127 -0.08 -17.57 8.19
CA ILE A 127 -0.89 -16.75 9.07
C ILE A 127 -2.36 -17.17 8.92
N LYS A 128 -3.05 -17.36 10.04
CA LYS A 128 -4.49 -17.65 10.05
C LYS A 128 -5.23 -16.42 10.57
N LEU A 129 -6.12 -15.87 9.74
CA LEU A 129 -6.91 -14.73 10.15
C LEU A 129 -7.84 -15.09 11.33
N ALA A 130 -8.21 -16.36 11.44
CA ALA A 130 -8.95 -16.80 12.64
C ALA A 130 -8.27 -16.40 13.96
N ASP A 131 -6.94 -16.43 13.98
CA ASP A 131 -6.19 -16.03 15.18
C ASP A 131 -6.36 -14.53 15.49
N VAL A 132 -6.47 -13.72 14.45
CA VAL A 132 -6.79 -12.30 14.64
C VAL A 132 -8.18 -12.15 15.27
N VAL A 133 -9.16 -12.83 14.68
CA VAL A 133 -10.53 -12.76 15.15
C VAL A 133 -10.62 -13.20 16.61
N SER A 134 -9.86 -14.23 16.97
CA SER A 134 -9.90 -14.70 18.37
C SER A 134 -9.41 -13.66 19.37
N ALA A 135 -8.42 -12.87 18.96
CA ALA A 135 -7.82 -11.84 19.80
C ALA A 135 -8.62 -10.53 19.83
N ILE A 136 -9.08 -10.07 18.67
CA ILE A 136 -9.70 -8.74 18.55
C ILE A 136 -11.15 -8.75 18.04
N GLY A 137 -11.73 -9.91 17.76
CA GLY A 137 -13.06 -9.96 17.13
C GLY A 137 -12.93 -9.73 15.65
N LYS A 138 -14.06 -9.62 14.96
CA LYS A 138 -14.04 -9.51 13.51
C LYS A 138 -13.63 -8.11 13.12
N PRO A 139 -12.56 -7.97 12.32
CA PRO A 139 -12.21 -6.68 11.77
C PRO A 139 -13.37 -6.14 10.95
N GLU A 140 -13.54 -4.82 10.92
CA GLU A 140 -14.53 -4.17 10.06
C GLU A 140 -14.14 -4.37 8.58
N LEU A 141 -12.83 -4.49 8.37
CA LEU A 141 -12.31 -4.63 6.99
C LEU A 141 -10.93 -5.30 7.05
N VAL A 142 -10.69 -6.22 6.12
CA VAL A 142 -9.36 -6.79 5.92
C VAL A 142 -8.84 -6.33 4.55
N ILE A 143 -7.71 -5.63 4.53
CA ILE A 143 -7.08 -5.23 3.25
C ILE A 143 -6.22 -6.39 2.75
N ILE A 144 -6.44 -6.87 1.52
CA ILE A 144 -5.63 -7.90 0.89
C ILE A 144 -4.63 -7.21 -0.04
N GLY A 145 -3.54 -6.75 0.56
CA GLY A 145 -2.49 -6.08 -0.19
C GLY A 145 -1.56 -7.04 -0.92
N ALA A 146 -0.75 -6.50 -1.82
CA ALA A 146 0.31 -7.26 -2.44
C ALA A 146 1.15 -7.99 -1.39
N ASN A 147 1.45 -9.27 -1.64
CA ASN A 147 2.06 -10.15 -0.63
C ASN A 147 2.63 -11.36 -1.35
N ASP A 148 3.16 -12.29 -0.56
CA ASP A 148 3.30 -13.66 -1.03
C ASP A 148 2.00 -14.05 -1.76
N PRO A 149 2.08 -14.49 -3.00
CA PRO A 149 0.83 -14.74 -3.71
C PRO A 149 -0.09 -15.79 -3.08
N GLU A 150 0.45 -16.89 -2.56
CA GLU A 150 -0.37 -17.89 -1.92
C GLU A 150 -1.09 -17.28 -0.72
N ALA A 151 -0.41 -16.41 0.02
CA ALA A 151 -1.01 -15.77 1.17
C ALA A 151 -2.19 -14.87 0.74
N MET A 152 -2.08 -14.22 -0.41
CA MET A 152 -3.19 -13.39 -0.88
C MET A 152 -4.43 -14.23 -1.09
N PHE A 153 -4.28 -15.38 -1.75
CA PHE A 153 -5.41 -16.29 -1.98
C PHE A 153 -5.97 -16.83 -0.68
N LEU A 154 -5.07 -17.28 0.21
CA LEU A 154 -5.52 -17.91 1.43
C LEU A 154 -6.25 -16.90 2.30
N HIS A 155 -5.74 -15.67 2.38
CA HIS A 155 -6.40 -14.64 3.19
C HIS A 155 -7.76 -14.27 2.65
N THR A 156 -7.85 -14.16 1.33
CA THR A 156 -9.14 -13.77 0.70
C THR A 156 -10.16 -14.89 0.97
N GLU A 157 -9.75 -16.13 0.76
CA GLU A 157 -10.61 -17.30 0.98
C GLU A 157 -11.06 -17.35 2.45
N GLU A 158 -10.13 -17.07 3.37
CA GLU A 158 -10.49 -17.06 4.80
C GLU A 158 -11.48 -15.95 5.15
N CYS A 159 -11.33 -14.78 4.55
CA CYS A 159 -12.29 -13.74 4.72
C CYS A 159 -13.68 -14.19 4.33
N ARG A 160 -13.81 -14.85 3.17
CA ARG A 160 -15.14 -15.26 2.74
C ARG A 160 -15.69 -16.27 3.75
N LYS A 161 -14.88 -17.26 4.10
CA LYS A 161 -15.33 -18.29 5.05
C LYS A 161 -15.76 -17.70 6.38
N LEU A 162 -14.99 -16.72 6.87
CA LEU A 162 -15.28 -16.16 8.16
C LEU A 162 -16.26 -14.97 8.13
N GLY A 163 -16.74 -14.56 6.97
CA GLY A 163 -17.65 -13.43 6.89
C GLY A 163 -17.03 -12.07 7.19
N LEU A 164 -15.78 -11.91 6.74
CA LEU A 164 -15.08 -10.65 6.92
C LEU A 164 -15.06 -9.88 5.61
N ALA A 165 -15.46 -8.61 5.68
CA ALA A 165 -15.39 -7.73 4.51
C ALA A 165 -13.93 -7.57 4.12
N PHE A 166 -13.64 -7.58 2.83
CA PHE A 166 -12.27 -7.41 2.38
C PHE A 166 -12.14 -6.42 1.23
N ALA A 167 -10.98 -5.80 1.19
CA ALA A 167 -10.57 -4.94 0.06
C ALA A 167 -9.56 -5.67 -0.79
N ALA A 168 -9.85 -5.87 -2.08
CA ALA A 168 -8.89 -6.41 -3.02
C ALA A 168 -7.96 -5.30 -3.45
N ASP A 169 -6.67 -5.47 -3.18
CA ASP A 169 -5.69 -4.43 -3.38
C ASP A 169 -4.43 -5.08 -3.93
N PRO A 170 -4.52 -5.69 -5.12
CA PRO A 170 -3.40 -6.52 -5.62
C PRO A 170 -2.22 -5.75 -6.18
N SER A 171 -2.43 -4.49 -6.55
CA SER A 171 -1.44 -3.58 -7.13
C SER A 171 -0.46 -4.30 -8.05
N GLN A 172 0.81 -4.36 -7.68
CA GLN A 172 1.85 -4.83 -8.61
C GLN A 172 1.80 -6.35 -8.83
N GLN A 173 0.98 -7.08 -8.08
CA GLN A 173 0.83 -8.49 -8.35
C GLN A 173 -0.06 -8.76 -9.56
N LEU A 174 -0.83 -7.78 -10.01
CA LEU A 174 -1.68 -8.01 -11.17
C LEU A 174 -0.89 -8.49 -12.38
N ALA A 175 0.30 -7.95 -12.57
CA ALA A 175 1.11 -8.32 -13.72
C ALA A 175 1.56 -9.78 -13.66
N ARG A 176 1.64 -10.34 -12.46
CA ARG A 176 2.22 -11.67 -12.25
C ARG A 176 1.16 -12.76 -12.13
N LEU A 177 -0.09 -12.39 -11.85
CA LEU A 177 -1.15 -13.39 -11.61
C LEU A 177 -1.87 -13.73 -12.90
N SER A 178 -2.41 -14.94 -12.98
CA SER A 178 -3.23 -15.32 -14.11
C SER A 178 -4.62 -14.68 -13.99
N GLY A 179 -5.31 -14.62 -15.12
CA GLY A 179 -6.70 -14.12 -15.20
C GLY A 179 -7.60 -14.80 -14.16
N GLU A 180 -7.50 -16.12 -14.02
CA GLU A 180 -8.29 -16.84 -13.03
CA GLU A 180 -8.36 -16.78 -13.04
C GLU A 180 -7.92 -16.48 -11.61
N GLU A 181 -6.62 -16.31 -11.38
CA GLU A 181 -6.15 -15.94 -10.05
C GLU A 181 -6.70 -14.57 -9.69
N ILE A 182 -6.67 -13.65 -10.63
CA ILE A 182 -7.20 -12.29 -10.37
C ILE A 182 -8.69 -12.32 -10.08
N ARG A 183 -9.46 -13.11 -10.83
CA ARG A 183 -10.88 -13.27 -10.52
C ARG A 183 -11.07 -13.75 -9.10
N ARG A 184 -10.26 -14.73 -8.68
CA ARG A 184 -10.35 -15.27 -7.34
C ARG A 184 -10.04 -14.30 -6.23
N LEU A 185 -9.24 -13.27 -6.50
CA LEU A 185 -8.95 -12.23 -5.55
C LEU A 185 -10.07 -11.16 -5.48
N VAL A 186 -10.87 -11.06 -6.55
CA VAL A 186 -11.82 -9.95 -6.68
C VAL A 186 -13.26 -10.33 -6.29
N ASN A 187 -13.69 -11.55 -6.56
CA ASN A 187 -15.09 -11.95 -6.27
C ASN A 187 -15.45 -11.65 -4.84
N GLY A 188 -16.54 -10.90 -4.67
CA GLY A 188 -17.07 -10.60 -3.37
C GLY A 188 -16.43 -9.48 -2.59
N ALA A 189 -15.48 -8.80 -3.21
CA ALA A 189 -14.80 -7.72 -2.47
C ALA A 189 -15.71 -6.59 -2.09
N ALA A 190 -15.54 -6.05 -0.90
CA ALA A 190 -16.18 -4.79 -0.53
C ALA A 190 -15.62 -3.61 -1.28
N TYR A 191 -14.33 -3.67 -1.56
CA TYR A 191 -13.62 -2.63 -2.31
C TYR A 191 -12.65 -3.29 -3.25
N LEU A 192 -12.48 -2.73 -4.46
CA LEU A 192 -11.36 -3.00 -5.37
C LEU A 192 -10.58 -1.72 -5.56
N PHE A 193 -9.30 -1.72 -5.22
CA PHE A 193 -8.40 -0.62 -5.47
C PHE A 193 -7.42 -0.97 -6.55
N THR A 194 -7.23 -0.06 -7.49
CA THR A 194 -6.15 -0.11 -8.47
C THR A 194 -5.87 1.29 -8.95
N ASN A 195 -4.79 1.45 -9.70
CA ASN A 195 -4.62 2.64 -10.52
C ASN A 195 -5.20 2.40 -11.91
N ASP A 196 -5.11 3.39 -12.79
CA ASP A 196 -5.86 3.21 -14.04
CA ASP A 196 -5.72 3.34 -14.11
C ASP A 196 -5.16 2.23 -14.99
N TYR A 197 -3.84 2.14 -15.01
CA TYR A 197 -3.13 1.16 -15.82
C TYR A 197 -3.55 -0.26 -15.34
N GLU A 198 -3.60 -0.42 -14.04
CA GLU A 198 -3.91 -1.73 -13.45
C GLU A 198 -5.36 -2.13 -13.70
N TRP A 199 -6.26 -1.16 -13.72
CA TRP A 199 -7.68 -1.40 -14.03
C TRP A 199 -7.82 -1.96 -15.43
N ASP A 200 -7.13 -1.34 -16.38
CA ASP A 200 -7.16 -1.86 -17.73
C ASP A 200 -6.52 -3.25 -17.79
N LEU A 201 -5.42 -3.46 -17.05
CA LEU A 201 -4.75 -4.76 -17.06
C LEU A 201 -5.68 -5.84 -16.48
N LEU A 202 -6.39 -5.48 -15.42
CA LEU A 202 -7.33 -6.37 -14.76
C LEU A 202 -8.40 -6.85 -15.74
N LEU A 203 -9.05 -5.91 -16.43
CA LEU A 203 -10.07 -6.26 -17.41
C LEU A 203 -9.50 -7.13 -18.52
N SER A 204 -8.29 -6.84 -19.00
CA SER A 204 -7.79 -7.61 -20.15
C SER A 204 -7.37 -9.03 -19.72
N LYS A 205 -6.75 -9.19 -18.56
CA LYS A 205 -6.31 -10.51 -18.13
C LYS A 205 -7.49 -11.38 -17.70
N THR A 206 -8.46 -10.81 -17.00
CA THR A 206 -9.61 -11.58 -16.55
C THR A 206 -10.58 -11.88 -17.70
N GLY A 207 -10.64 -11.01 -18.70
CA GLY A 207 -11.68 -11.11 -19.71
C GLY A 207 -13.02 -10.57 -19.26
N TRP A 208 -13.08 -9.99 -18.06
CA TRP A 208 -14.29 -9.34 -17.60
C TRP A 208 -14.57 -8.05 -18.31
N SER A 209 -15.86 -7.74 -18.44
CA SER A 209 -16.28 -6.39 -18.75
C SER A 209 -16.34 -5.57 -17.45
N GLU A 210 -16.44 -4.26 -17.57
CA GLU A 210 -16.68 -3.47 -16.35
C GLU A 210 -17.97 -3.91 -15.62
N ALA A 211 -19.04 -4.16 -16.35
CA ALA A 211 -20.31 -4.58 -15.75
C ALA A 211 -20.14 -5.88 -14.97
N ASP A 212 -19.39 -6.82 -15.51
CA ASP A 212 -19.13 -8.08 -14.83
C ASP A 212 -18.41 -7.84 -13.51
N VAL A 213 -17.40 -6.97 -13.54
CA VAL A 213 -16.69 -6.65 -12.27
C VAL A 213 -17.65 -6.03 -11.29
N MET A 214 -18.46 -5.06 -11.74
CA MET A 214 -19.31 -4.37 -10.78
C MET A 214 -20.42 -5.25 -10.18
N ALA A 215 -20.76 -6.33 -10.86
CA ALA A 215 -21.63 -7.38 -10.32
C ALA A 215 -21.00 -8.19 -9.19
N GLN A 216 -19.68 -8.03 -9.01
CA GLN A 216 -18.87 -8.80 -8.02
C GLN A 216 -18.42 -8.05 -6.79
N ILE A 217 -18.47 -6.74 -6.82
CA ILE A 217 -17.87 -5.92 -5.78
C ILE A 217 -18.80 -4.81 -5.33
N ASP A 218 -18.51 -4.22 -4.18
CA ASP A 218 -19.36 -3.11 -3.71
C ASP A 218 -18.90 -1.71 -4.11
N LEU A 219 -17.61 -1.56 -4.45
CA LEU A 219 -17.08 -0.26 -4.84
C LEU A 219 -15.78 -0.48 -5.57
N ARG A 220 -15.67 0.14 -6.75
CA ARG A 220 -14.42 0.26 -7.48
C ARG A 220 -13.78 1.59 -7.19
N VAL A 221 -12.51 1.59 -6.77
CA VAL A 221 -11.72 2.81 -6.56
C VAL A 221 -10.54 2.75 -7.53
N THR A 222 -10.48 3.70 -8.48
CA THR A 222 -9.46 3.73 -9.48
C THR A 222 -8.71 5.03 -9.44
N THR A 223 -7.46 4.96 -9.01
CA THR A 223 -6.68 6.19 -8.94
C THR A 223 -6.14 6.58 -10.33
N LEU A 224 -5.97 7.90 -10.51
CA LEU A 224 -5.66 8.50 -11.82
C LEU A 224 -4.48 9.44 -11.76
N GLY A 225 -3.57 9.21 -10.83
CA GLY A 225 -2.37 10.05 -10.74
C GLY A 225 -2.76 11.49 -10.47
N PRO A 226 -2.21 12.42 -11.25
CA PRO A 226 -2.51 13.81 -11.01
C PRO A 226 -3.94 14.19 -11.38
N LYS A 227 -4.67 13.27 -12.01
CA LYS A 227 -6.05 13.54 -12.40
C LYS A 227 -7.07 13.05 -11.38
N GLY A 228 -6.60 12.58 -10.24
CA GLY A 228 -7.50 12.34 -9.09
C GLY A 228 -7.90 10.90 -8.94
N VAL A 229 -9.19 10.67 -8.68
CA VAL A 229 -9.68 9.33 -8.36
C VAL A 229 -11.12 9.19 -8.78
N ASP A 230 -11.46 8.01 -9.32
CA ASP A 230 -12.85 7.67 -9.67
C ASP A 230 -13.33 6.61 -8.66
N LEU A 231 -14.53 6.75 -8.17
CA LEU A 231 -15.19 5.81 -7.30
C LEU A 231 -16.47 5.43 -7.99
N VAL A 232 -16.70 4.15 -8.20
CA VAL A 232 -17.84 3.66 -8.98
C VAL A 232 -18.62 2.61 -8.19
N GLU A 233 -19.94 2.78 -8.08
CA GLU A 233 -20.78 1.85 -7.33
C GLU A 233 -21.52 0.93 -8.31
N PRO A 234 -22.00 -0.23 -7.82
CA PRO A 234 -22.68 -1.16 -8.71
C PRO A 234 -24.05 -0.72 -9.21
N ASP A 235 -24.62 0.30 -8.58
CA ASP A 235 -25.87 0.92 -9.06
C ASP A 235 -25.64 1.92 -10.22
N GLY A 236 -24.40 2.16 -10.60
CA GLY A 236 -24.09 3.12 -11.66
C GLY A 236 -23.72 4.52 -11.17
N THR A 237 -23.74 4.78 -9.87
CA THR A 237 -23.25 6.06 -9.37
C THR A 237 -21.74 6.15 -9.52
N THR A 238 -21.25 7.28 -10.00
CA THR A 238 -19.83 7.54 -10.11
C THR A 238 -19.46 8.83 -9.42
N ILE A 239 -18.37 8.83 -8.68
CA ILE A 239 -17.86 10.04 -8.06
C ILE A 239 -16.42 10.26 -8.46
N HIS A 240 -16.08 11.44 -8.91
CA HIS A 240 -14.74 11.80 -9.26
C HIS A 240 -14.26 12.87 -8.31
N VAL A 241 -13.09 12.70 -7.69
CA VAL A 241 -12.47 13.73 -6.83
C VAL A 241 -11.05 14.07 -7.33
N GLY A 242 -10.76 15.37 -7.45
CA GLY A 242 -9.46 15.84 -7.88
C GLY A 242 -8.46 15.77 -6.76
N VAL A 243 -7.21 15.99 -7.12
CA VAL A 243 -6.10 15.92 -6.18
C VAL A 243 -6.01 17.16 -5.31
N VAL A 244 -5.21 17.03 -4.26
CA VAL A 244 -4.69 18.16 -3.53
C VAL A 244 -3.43 18.61 -4.27
N PRO A 245 -3.37 19.90 -4.71
CA PRO A 245 -2.19 20.30 -5.50
C PRO A 245 -0.88 20.13 -4.74
N GLU A 246 0.15 19.59 -5.37
CA GLU A 246 1.41 19.36 -4.67
C GLU A 246 2.30 20.60 -4.77
N THR A 247 3.23 20.74 -3.84
CA THR A 247 4.22 21.83 -3.85
C THR A 247 5.61 21.32 -4.25
N SER A 248 5.77 20.01 -4.29
CA SER A 248 6.97 19.35 -4.82
C SER A 248 6.63 17.88 -5.08
N GLN A 249 7.51 17.17 -5.78
CA GLN A 249 7.34 15.73 -5.95
C GLN A 249 8.61 15.03 -5.49
N THR A 250 8.94 15.21 -4.22
CA THR A 250 10.26 14.78 -3.72
C THR A 250 10.42 13.25 -3.87
N ASP A 251 9.35 12.48 -3.67
CA ASP A 251 9.39 11.02 -3.90
C ASP A 251 7.98 10.39 -4.06
N PRO A 252 7.61 9.98 -5.29
CA PRO A 252 6.27 9.39 -5.56
C PRO A 252 6.02 8.02 -4.93
N THR A 253 7.05 7.37 -4.43
CA THR A 253 6.89 6.09 -3.75
C THR A 253 5.86 6.21 -2.61
N GLY A 254 5.03 5.18 -2.50
CA GLY A 254 4.09 4.99 -1.38
C GLY A 254 2.77 5.75 -1.48
N VAL A 255 2.53 6.38 -2.62
CA VAL A 255 1.41 7.31 -2.76
C VAL A 255 0.08 6.57 -2.81
N GLY A 256 0.05 5.47 -3.56
CA GLY A 256 -1.13 4.61 -3.61
C GLY A 256 -1.51 4.06 -2.24
N ASP A 257 -0.52 3.59 -1.50
CA ASP A 257 -0.75 3.07 -0.16
C ASP A 257 -1.35 4.13 0.74
N ALA A 258 -0.79 5.33 0.67
CA ALA A 258 -1.23 6.48 1.45
C ALA A 258 -2.69 6.84 1.09
N PHE A 259 -2.99 6.85 -0.19
CA PHE A 259 -4.36 7.15 -0.61
C PHE A 259 -5.34 6.19 0.04
N ARG A 260 -5.03 4.90 -0.06
CA ARG A 260 -5.85 3.86 0.47
C ARG A 260 -6.04 4.01 1.95
N ALA A 261 -4.94 4.24 2.67
CA ALA A 261 -5.06 4.45 4.11
C ALA A 261 -5.98 5.60 4.48
N GLY A 262 -5.78 6.74 3.83
CA GLY A 262 -6.58 7.92 4.16
C GLY A 262 -8.03 7.67 3.83
N PHE A 263 -8.30 7.10 2.65
CA PHE A 263 -9.66 6.83 2.22
C PHE A 263 -10.39 5.89 3.19
N LEU A 264 -9.73 4.80 3.52
CA LEU A 264 -10.35 3.80 4.38
C LEU A 264 -10.47 4.30 5.79
N THR A 265 -9.51 5.09 6.25
CA THR A 265 -9.65 5.73 7.56
C THR A 265 -10.88 6.60 7.56
N GLY A 266 -11.07 7.41 6.53
CA GLY A 266 -12.26 8.21 6.39
C GLY A 266 -13.53 7.36 6.43
N ARG A 267 -13.55 6.26 5.69
CA ARG A 267 -14.75 5.39 5.67
C ARG A 267 -15.03 4.82 7.06
N SER A 268 -14.00 4.34 7.72
CA SER A 268 -14.16 3.77 9.06
C SER A 268 -14.65 4.81 10.06
N ALA A 269 -14.33 6.08 9.83
CA ALA A 269 -14.70 7.17 10.73
C ALA A 269 -16.08 7.75 10.38
N GLY A 270 -16.73 7.16 9.38
CA GLY A 270 -18.09 7.48 9.01
C GLY A 270 -18.26 8.49 7.89
N LEU A 271 -17.15 8.88 7.24
CA LEU A 271 -17.26 9.84 6.16
C LEU A 271 -17.87 9.22 4.90
N GLY A 272 -18.51 10.06 4.11
CA GLY A 272 -19.00 9.66 2.81
C GLY A 272 -17.89 9.39 1.82
N LEU A 273 -18.28 8.99 0.64
CA LEU A 273 -17.34 8.63 -0.42
C LEU A 273 -16.47 9.83 -0.87
N GLU A 274 -17.10 10.95 -1.19
CA GLU A 274 -16.38 12.16 -1.57
CA GLU A 274 -16.43 12.22 -1.52
C GLU A 274 -15.40 12.59 -0.48
N ARG A 275 -15.87 12.69 0.76
CA ARG A 275 -15.00 13.20 1.80
C ARG A 275 -13.85 12.24 2.08
N SER A 276 -14.13 10.94 2.02
CA SER A 276 -13.09 9.95 2.25
C SER A 276 -12.03 10.03 1.14
N ALA A 277 -12.44 10.25 -0.10
CA ALA A 277 -11.49 10.42 -1.18
C ALA A 277 -10.68 11.70 -1.05
N GLN A 278 -11.31 12.76 -0.54
CA GLN A 278 -10.58 13.99 -0.24
C GLN A 278 -9.48 13.79 0.82
N LEU A 279 -9.84 13.08 1.90
CA LEU A 279 -8.87 12.74 2.93
C LEU A 279 -7.73 11.88 2.38
N GLY A 280 -8.09 10.86 1.58
CA GLY A 280 -7.08 10.03 0.93
C GLY A 280 -6.14 10.84 0.04
N SER A 281 -6.70 11.80 -0.66
CA SER A 281 -5.92 12.67 -1.54
C SER A 281 -4.91 13.52 -0.76
N LEU A 282 -5.30 14.00 0.42
CA LEU A 282 -4.34 14.74 1.27
C LEU A 282 -3.20 13.84 1.74
N VAL A 283 -3.52 12.66 2.26
CA VAL A 283 -2.46 11.79 2.73
C VAL A 283 -1.54 11.40 1.57
N ALA A 284 -2.11 11.11 0.41
CA ALA A 284 -1.33 10.83 -0.77
C ALA A 284 -0.33 11.96 -1.08
N VAL A 285 -0.77 13.20 -1.05
CA VAL A 285 0.17 14.30 -1.40
C VAL A 285 1.28 14.48 -0.36
N LEU A 286 0.97 14.25 0.91
CA LEU A 286 1.96 14.32 1.98
C LEU A 286 3.05 13.27 1.74
N VAL A 287 2.67 12.09 1.27
CA VAL A 287 3.65 11.05 0.97
C VAL A 287 4.43 11.36 -0.34
N LEU A 288 3.73 11.89 -1.34
CA LEU A 288 4.38 12.35 -2.58
C LEU A 288 5.49 13.34 -2.28
N GLU A 289 5.26 14.22 -1.31
CA GLU A 289 6.17 15.33 -1.03
C GLU A 289 7.28 14.98 -0.07
N SER A 290 7.31 13.74 0.40
CA SER A 290 8.33 13.33 1.35
C SER A 290 9.13 12.13 0.87
N THR A 291 10.36 12.07 1.34
CA THR A 291 11.28 10.97 1.06
C THR A 291 10.73 9.70 1.65
N GLY A 292 10.84 8.61 0.89
CA GLY A 292 10.33 7.33 1.35
C GLY A 292 8.81 7.30 1.42
N THR A 293 8.29 6.49 2.35
CA THR A 293 6.87 6.20 2.42
C THR A 293 6.24 6.46 3.79
N GLN A 294 7.07 6.45 4.83
CA GLN A 294 6.62 6.67 6.18
C GLN A 294 7.38 7.80 6.85
N GLU A 295 7.91 8.72 6.06
CA GLU A 295 8.78 9.78 6.59
C GLU A 295 8.10 11.16 6.59
N TRP A 296 6.77 11.17 6.47
CA TRP A 296 5.97 12.38 6.46
C TRP A 296 5.42 12.64 7.84
N GLN A 297 5.02 13.89 8.10
CA GLN A 297 4.42 14.25 9.38
C GLN A 297 2.94 14.51 9.24
N TRP A 298 2.22 14.39 10.35
CA TRP A 298 0.80 14.65 10.38
C TRP A 298 0.47 15.85 11.26
N ASP A 299 0.09 16.95 10.61
CA ASP A 299 -0.20 18.21 11.29
C ASP A 299 -1.67 18.60 11.07
N TYR A 300 -2.48 18.40 12.11
CA TYR A 300 -3.91 18.71 12.07
C TYR A 300 -4.24 20.12 11.48
N GLU A 301 -3.54 21.15 11.92
CA GLU A 301 -3.77 22.51 11.41
C GLU A 301 -3.44 22.69 9.93
N ALA A 302 -2.29 22.16 9.52
CA ALA A 302 -1.86 22.25 8.13
C ALA A 302 -2.77 21.40 7.24
N ALA A 303 -3.32 20.31 7.79
CA ALA A 303 -4.23 19.44 7.04
C ALA A 303 -5.53 20.18 6.76
N ALA A 304 -6.10 20.81 7.80
CA ALA A 304 -7.33 21.59 7.64
C ALA A 304 -7.13 22.68 6.60
N SER A 305 -6.01 23.40 6.69
CA SER A 305 -5.74 24.50 5.76
C SER A 305 -5.62 24.04 4.30
N ARG A 306 -4.89 22.97 4.10
CA ARG A 306 -4.64 22.42 2.78
C ARG A 306 -5.90 21.81 2.15
N LEU A 307 -6.68 21.12 2.97
CA LEU A 307 -7.97 20.61 2.55
C LEU A 307 -8.92 21.73 2.13
N ALA A 308 -8.93 22.82 2.89
CA ALA A 308 -9.76 23.95 2.50
C ALA A 308 -9.36 24.57 1.16
N GLY A 309 -8.06 24.69 0.90
CA GLY A 309 -7.58 25.20 -0.39
C GLY A 309 -8.03 24.34 -1.56
N ALA A 310 -7.99 23.04 -1.38
CA ALA A 310 -8.32 22.14 -2.47
C ALA A 310 -9.83 21.96 -2.66
N TYR A 311 -10.54 21.86 -1.55
CA TYR A 311 -11.92 21.42 -1.57
C TYR A 311 -12.96 22.34 -0.92
N GLY A 312 -12.52 23.47 -0.38
CA GLY A 312 -13.39 24.41 0.30
C GLY A 312 -13.47 24.20 1.81
N GLU A 313 -13.81 25.28 2.53
CA GLU A 313 -13.82 25.24 4.00
C GLU A 313 -14.81 24.23 4.57
N HIS A 314 -15.96 24.10 3.93
CA HIS A 314 -17.04 23.21 4.39
C HIS A 314 -16.58 21.78 4.37
N ALA A 315 -16.04 21.34 3.24
CA ALA A 315 -15.50 19.99 3.12
C ALA A 315 -14.35 19.75 4.08
N ALA A 316 -13.45 20.73 4.19
CA ALA A 316 -12.32 20.59 5.11
C ALA A 316 -12.83 20.38 6.56
N ALA A 317 -13.80 21.18 6.96
CA ALA A 317 -14.37 21.05 8.32
C ALA A 317 -15.04 19.70 8.56
N GLU A 318 -15.74 19.17 7.55
CA GLU A 318 -16.37 17.84 7.67
C GLU A 318 -15.33 16.75 7.87
N ILE A 319 -14.20 16.86 7.16
CA ILE A 319 -13.12 15.89 7.27
C ILE A 319 -12.38 15.92 8.59
N VAL A 320 -11.89 17.09 9.00
CA VAL A 320 -11.11 17.14 10.23
C VAL A 320 -12.01 16.91 11.45
N ALA A 321 -13.32 17.11 11.32
CA ALA A 321 -14.27 16.79 12.41
C ALA A 321 -14.12 15.35 12.92
N VAL A 322 -13.62 14.44 12.08
CA VAL A 322 -13.40 13.06 12.50
C VAL A 322 -11.96 12.71 12.83
N LEU A 323 -11.01 13.63 12.71
CA LEU A 323 -9.62 13.32 13.07
C LEU A 323 -9.30 13.88 14.44
NA NA B . 7.23 9.50 -0.88
PG AGS C . 2.44 4.51 -6.48
S1G AGS C . 3.83 6.01 -6.27
O2G AGS C . 1.88 4.06 -5.09
O3G AGS C . 2.93 3.39 -7.37
PB AGS C . -0.11 4.58 -7.88
O1B AGS C . 0.13 4.41 -9.35
O2B AGS C . -0.58 3.39 -7.09
O3B AGS C . 1.19 5.25 -7.22
PA AGS C . -1.48 7.08 -8.44
O1A AGS C . -0.27 7.66 -9.15
O2A AGS C . -2.70 6.81 -9.32
O3A AGS C . -1.13 5.77 -7.56
O5' AGS C . -1.74 8.07 -7.24
C5' AGS C . -2.71 7.79 -6.21
C4' AGS C . -3.38 9.09 -5.73
O4' AGS C . -2.37 10.01 -5.35
C3' AGS C . -4.22 9.87 -6.72
O3' AGS C . -5.52 9.29 -6.86
C2' AGS C . -4.17 11.29 -6.13
O2' AGS C . -5.13 11.52 -5.07
C1' AGS C . -2.78 11.35 -5.55
N9 AGS C . -1.79 11.90 -6.50
C8 AGS C . -1.07 11.22 -7.40
N7 AGS C . -0.29 12.03 -8.15
C5 AGS C . -0.52 13.28 -7.67
C6 AGS C . -0.05 14.61 -8.01
N6 AGS C . 0.88 14.77 -8.99
N1 AGS C . -0.53 15.64 -7.30
C2 AGS C . -1.41 15.48 -6.29
N3 AGS C . -1.93 14.28 -5.95
C4 AGS C . -1.50 13.18 -6.60
#